data_1ZW0
#
_entry.id   1ZW0
#
_cell.length_a   82.969
_cell.length_b   84.622
_cell.length_c   81.799
_cell.angle_alpha   90.00
_cell.angle_beta   90.00
_cell.angle_gamma   90.00
#
_symmetry.space_group_name_H-M   'P 21 21 2'
#
loop_
_entity.id
_entity.type
_entity.pdbx_description
1 polymer 'type III secretion protein'
2 water water
#
_entity_poly.entity_id   1
_entity_poly.type   'polypeptide(L)'
_entity_poly.pdbx_seq_one_letter_code
;MTQLEEQLHNVETVRSITMQLEMALTKLKKDMMRGGDAKQYQVWQRESKALESAIAIIHYVAGDLK
;
_entity_poly.pdbx_strand_id   A,B,C,D,E,F,G,H
#
# COMPACT_ATOMS: atom_id res chain seq x y z
N MET A 1 -21.63 -5.29 -5.70
CA MET A 1 -20.40 -4.80 -5.00
C MET A 1 -20.36 -5.09 -3.51
N THR A 2 -21.54 -5.19 -2.87
CA THR A 2 -21.60 -5.41 -1.41
C THR A 2 -21.03 -6.81 -1.19
N GLN A 3 -21.47 -7.76 -2.00
CA GLN A 3 -20.98 -9.10 -1.92
C GLN A 3 -19.49 -9.22 -2.16
N LEU A 4 -18.97 -8.51 -3.17
CA LEU A 4 -17.55 -8.54 -3.42
C LEU A 4 -16.71 -7.99 -2.27
N GLU A 5 -17.08 -6.84 -1.73
CA GLU A 5 -16.33 -6.24 -0.63
C GLU A 5 -16.36 -7.17 0.62
N GLU A 6 -17.50 -7.76 0.88
CA GLU A 6 -17.64 -8.61 2.05
C GLU A 6 -16.72 -9.83 1.89
N GLN A 7 -16.68 -10.42 0.68
CA GLN A 7 -15.81 -11.55 0.40
C GLN A 7 -14.33 -11.17 0.56
N LEU A 8 -13.93 -10.02 0.03
CA LEU A 8 -12.56 -9.58 0.15
C LEU A 8 -12.18 -9.41 1.61
N HIS A 9 -13.03 -8.76 2.39
CA HIS A 9 -12.73 -8.53 3.79
C HIS A 9 -12.67 -9.86 4.58
N ASN A 10 -13.58 -10.77 4.27
CA ASN A 10 -13.50 -12.16 4.86
C ASN A 10 -12.22 -12.89 4.55
N VAL A 11 -11.76 -12.81 3.28
CA VAL A 11 -10.47 -13.38 2.90
C VAL A 11 -9.33 -12.68 3.59
N GLU A 12 -9.38 -11.36 3.76
CA GLU A 12 -8.39 -10.66 4.55
C GLU A 12 -8.29 -11.13 6.02
N THR A 13 -9.41 -11.37 6.62
CA THR A 13 -9.44 -11.85 8.03
C THR A 13 -8.79 -13.23 8.12
N VAL A 14 -9.09 -14.08 7.13
CA VAL A 14 -8.43 -15.41 6.99
C VAL A 14 -6.94 -15.21 6.87
N ARG A 15 -6.46 -14.33 6.00
CA ARG A 15 -5.02 -14.08 5.89
C ARG A 15 -4.39 -13.69 7.22
N SER A 16 -5.01 -12.77 7.94
CA SER A 16 -4.50 -12.26 9.18
C SER A 16 -4.40 -13.38 10.18
N ILE A 17 -5.46 -14.16 10.31
CA ILE A 17 -5.45 -15.25 11.28
C ILE A 17 -4.45 -16.31 10.95
N THR A 18 -4.34 -16.70 9.68
CA THR A 18 -3.39 -17.68 9.33
C THR A 18 -1.91 -17.23 9.55
N MET A 19 -1.62 -15.98 9.29
CA MET A 19 -0.32 -15.41 9.66
C MET A 19 -0.06 -15.53 11.17
N GLN A 20 -1.07 -15.22 11.97
CA GLN A 20 -0.93 -15.33 13.44
C GLN A 20 -0.71 -16.78 13.85
N LEU A 21 -1.46 -17.72 13.26
CA LEU A 21 -1.25 -19.13 13.54
C LEU A 21 0.18 -19.60 13.23
N GLU A 22 0.69 -19.21 12.09
CA GLU A 22 2.04 -19.59 11.69
C GLU A 22 3.06 -19.07 12.68
N MET A 23 2.89 -17.82 13.12
CA MET A 23 3.77 -17.27 14.17
C MET A 23 3.70 -18.04 15.48
N ALA A 24 2.49 -18.42 15.91
CA ALA A 24 2.33 -19.17 17.13
C ALA A 24 2.92 -20.60 17.03
N LEU A 25 2.79 -21.20 15.86
CA LEU A 25 3.42 -22.51 15.62
C LEU A 25 4.96 -22.39 15.67
N THR A 26 5.51 -21.30 15.14
CA THR A 26 6.95 -21.10 15.28
C THR A 26 7.44 -21.06 16.75
N LYS A 27 6.67 -20.42 17.62
CA LYS A 27 7.03 -20.32 19.05
C LYS A 27 6.91 -21.67 19.74
N LEU A 28 5.82 -22.39 19.45
CA LEU A 28 5.57 -23.71 20.02
C LEU A 28 6.70 -24.59 19.60
N LYS A 29 7.15 -24.40 18.36
CA LYS A 29 8.29 -25.17 17.86
C LYS A 29 9.59 -24.96 18.65
N LYS A 30 9.92 -23.72 19.01
CA LYS A 30 11.10 -23.49 19.86
C LYS A 30 11.06 -24.32 21.14
N ASP A 31 9.92 -24.28 21.81
CA ASP A 31 9.73 -24.99 23.06
C ASP A 31 9.85 -26.50 22.91
N MET A 32 9.36 -27.06 21.82
CA MET A 32 9.50 -28.49 21.60
C MET A 32 10.94 -28.90 21.38
N MET A 33 11.76 -27.99 20.84
CA MET A 33 13.17 -28.31 20.56
C MET A 33 14.04 -28.25 21.81
N ARG A 34 13.41 -28.27 22.98
CA ARG A 34 14.08 -27.89 24.20
C ARG A 34 13.40 -28.50 25.42
N GLY A 35 12.06 -28.51 25.43
CA GLY A 35 11.28 -29.09 26.54
C GLY A 35 11.50 -30.56 26.92
N GLY A 36 12.26 -31.29 26.10
CA GLY A 36 12.56 -32.72 26.33
C GLY A 36 12.73 -33.50 25.02
N ASP A 37 12.29 -34.77 25.00
CA ASP A 37 12.19 -35.55 23.73
C ASP A 37 10.99 -36.55 23.66
N ALA A 38 11.27 -37.80 23.32
CA ALA A 38 10.35 -38.93 23.49
C ALA A 38 8.98 -38.77 22.80
N LYS A 39 7.98 -39.48 23.33
CA LYS A 39 6.63 -39.49 22.75
C LYS A 39 6.13 -38.10 22.32
N GLN A 40 6.30 -37.09 23.16
CA GLN A 40 5.61 -35.87 22.83
C GLN A 40 6.20 -35.04 21.68
N TYR A 41 7.52 -35.11 21.44
CA TYR A 41 8.15 -34.39 20.30
C TYR A 41 7.79 -35.05 18.99
N GLN A 42 7.82 -36.37 18.99
CA GLN A 42 7.38 -37.11 17.83
C GLN A 42 5.87 -36.96 17.63
N VAL A 43 5.08 -37.03 18.70
CA VAL A 43 3.67 -36.57 18.62
C VAL A 43 3.54 -35.13 18.11
N TRP A 44 4.41 -34.21 18.56
CA TRP A 44 4.32 -32.83 18.08
C TRP A 44 4.73 -32.71 16.62
N GLN A 45 5.81 -33.38 16.23
CA GLN A 45 6.24 -33.34 14.84
C GLN A 45 5.14 -33.85 13.88
N ARG A 46 4.38 -34.86 14.30
CA ARG A 46 3.24 -35.33 13.52
C ARG A 46 2.20 -34.25 13.39
N GLU A 47 1.86 -33.66 14.54
CA GLU A 47 0.76 -32.71 14.65
C GLU A 47 1.11 -31.42 13.90
N SER A 48 2.33 -30.93 14.10
CA SER A 48 2.79 -29.70 13.41
C SER A 48 2.80 -29.83 11.89
N LYS A 49 3.35 -30.91 11.38
CA LYS A 49 3.34 -31.14 9.94
C LYS A 49 1.88 -31.16 9.48
N ALA A 50 0.99 -31.81 10.24
CA ALA A 50 -0.43 -31.85 9.77
C ALA A 50 -1.04 -30.47 9.81
N LEU A 51 -0.68 -29.68 10.82
CA LEU A 51 -1.25 -28.38 10.96
C LEU A 51 -0.80 -27.47 9.84
N GLU A 52 0.50 -27.54 9.53
CA GLU A 52 0.99 -26.68 8.48
C GLU A 52 0.36 -27.13 7.14
N SER A 53 0.17 -28.43 6.97
CA SER A 53 -0.47 -28.89 5.68
C SER A 53 -1.91 -28.41 5.65
N ALA A 54 -2.60 -28.36 6.81
CA ALA A 54 -3.97 -27.80 6.79
C ALA A 54 -3.99 -26.35 6.47
N ILE A 55 -2.99 -25.62 6.95
CA ILE A 55 -2.91 -24.26 6.56
C ILE A 55 -2.65 -24.07 5.07
N ALA A 56 -1.84 -24.93 4.48
CA ALA A 56 -1.52 -24.83 3.03
C ALA A 56 -2.81 -25.05 2.22
N ILE A 57 -3.65 -25.97 2.70
CA ILE A 57 -4.90 -26.21 1.99
C ILE A 57 -5.81 -25.00 2.08
N ILE A 58 -5.86 -24.42 3.26
CA ILE A 58 -6.65 -23.22 3.43
C ILE A 58 -6.21 -22.15 2.47
N HIS A 59 -4.91 -21.95 2.32
CA HIS A 59 -4.43 -20.98 1.37
C HIS A 59 -4.86 -21.34 -0.08
N TYR A 60 -4.81 -22.63 -0.41
CA TYR A 60 -5.17 -23.03 -1.77
C TYR A 60 -6.65 -22.78 -2.06
N VAL A 61 -7.51 -23.06 -1.09
CA VAL A 61 -8.98 -22.89 -1.22
C VAL A 61 -9.44 -21.46 -1.05
N ALA A 62 -9.07 -20.82 0.07
CA ALA A 62 -9.45 -19.39 0.32
C ALA A 62 -8.66 -18.43 -0.57
N GLY A 63 -7.47 -18.78 -1.00
CA GLY A 63 -6.58 -17.95 -1.81
C GLY A 63 -6.14 -16.63 -1.14
N ASP A 64 -5.92 -16.66 0.16
CA ASP A 64 -5.56 -15.41 0.89
C ASP A 64 -4.12 -14.97 0.60
N LEU A 65 -3.30 -15.94 0.14
CA LEU A 65 -1.82 -15.91 0.03
C LEU A 65 -0.96 -16.07 1.34
N MET B 1 7.25 -24.01 37.54
CA MET B 1 5.84 -23.61 37.15
C MET B 1 5.77 -22.48 36.12
N THR B 2 6.60 -21.45 36.22
CA THR B 2 6.51 -20.34 35.24
C THR B 2 6.81 -20.84 33.82
N GLN B 3 7.83 -21.68 33.71
CA GLN B 3 8.21 -22.17 32.39
C GLN B 3 7.16 -23.15 31.85
N LEU B 4 6.55 -23.91 32.76
CA LEU B 4 5.50 -24.84 32.34
C LEU B 4 4.28 -24.05 31.91
N GLU B 5 3.98 -23.00 32.65
CA GLU B 5 2.93 -22.07 32.26
C GLU B 5 3.21 -21.39 30.89
N GLU B 6 4.48 -21.04 30.61
CA GLU B 6 4.86 -20.58 29.26
C GLU B 6 4.59 -21.62 28.16
N GLN B 7 5.02 -22.88 28.34
CA GLN B 7 4.70 -23.94 27.35
C GLN B 7 3.20 -24.10 27.19
N LEU B 8 2.47 -24.10 28.31
CA LEU B 8 1.01 -24.20 28.25
C LEU B 8 0.38 -23.05 27.47
N HIS B 9 0.89 -21.85 27.71
CA HIS B 9 0.41 -20.66 27.02
C HIS B 9 0.63 -20.77 25.49
N ASN B 10 1.76 -21.30 25.06
CA ASN B 10 2.06 -21.42 23.63
C ASN B 10 1.18 -22.44 22.95
N VAL B 11 0.87 -23.52 23.63
CA VAL B 11 -0.05 -24.52 23.12
C VAL B 11 -1.45 -23.95 23.07
N GLU B 12 -1.85 -23.27 24.13
CA GLU B 12 -3.20 -22.68 24.16
C GLU B 12 -3.42 -21.63 23.10
N THR B 13 -2.38 -20.85 22.80
CA THR B 13 -2.44 -19.84 21.76
C THR B 13 -2.70 -20.52 20.40
N VAL B 14 -1.93 -21.54 20.09
CA VAL B 14 -2.12 -22.31 18.86
C VAL B 14 -3.56 -22.81 18.85
N ARG B 15 -4.02 -23.43 19.93
CA ARG B 15 -5.40 -23.94 19.93
C ARG B 15 -6.40 -22.83 19.70
N SER B 16 -6.23 -21.69 20.39
CA SER B 16 -7.16 -20.58 20.29
C SER B 16 -7.18 -20.00 18.92
N ILE B 17 -6.01 -19.83 18.31
CA ILE B 17 -5.98 -19.26 16.94
C ILE B 17 -6.59 -20.26 15.94
N THR B 18 -6.40 -21.56 16.13
CA THR B 18 -7.01 -22.52 15.21
C THR B 18 -8.56 -22.44 15.29
N MET B 19 -9.12 -22.27 16.49
CA MET B 19 -10.58 -22.12 16.63
C MET B 19 -11.05 -20.80 15.93
N GLN B 20 -10.26 -19.72 16.03
CA GLN B 20 -10.54 -18.46 15.37
C GLN B 20 -10.54 -18.62 13.88
N LEU B 21 -9.59 -19.38 13.38
CA LEU B 21 -9.50 -19.61 11.94
C LEU B 21 -10.74 -20.39 11.45
N GLU B 22 -11.16 -21.38 12.23
CA GLU B 22 -12.37 -22.16 11.96
C GLU B 22 -13.54 -21.19 11.81
N MET B 23 -13.70 -20.27 12.75
CA MET B 23 -14.79 -19.31 12.64
C MET B 23 -14.65 -18.36 11.44
N ALA B 24 -13.44 -17.95 11.08
CA ALA B 24 -13.23 -17.01 9.96
C ALA B 24 -13.60 -17.67 8.68
N LEU B 25 -13.20 -18.95 8.54
CA LEU B 25 -13.54 -19.72 7.33
C LEU B 25 -15.03 -19.97 7.25
N THR B 26 -15.64 -20.17 8.40
CA THR B 26 -17.12 -20.39 8.49
C THR B 26 -17.83 -19.12 7.97
N LYS B 27 -17.39 -17.97 8.43
CA LYS B 27 -18.01 -16.68 7.97
C LYS B 27 -17.77 -16.51 6.48
N LEU B 28 -16.57 -16.76 6.02
CA LEU B 28 -16.28 -16.73 4.60
C LEU B 28 -17.20 -17.57 3.79
N LYS B 29 -17.36 -18.83 4.16
CA LYS B 29 -18.21 -19.77 3.44
C LYS B 29 -19.71 -19.42 3.59
N LYS B 30 -20.15 -19.06 4.77
CA LYS B 30 -21.56 -18.68 4.95
C LYS B 30 -21.93 -17.43 4.12
N ASP B 31 -21.06 -16.41 4.16
CA ASP B 31 -21.31 -15.14 3.47
C ASP B 31 -21.38 -15.36 1.99
N MET B 32 -20.54 -16.24 1.45
CA MET B 32 -20.56 -16.43 0.01
C MET B 32 -21.83 -17.23 -0.41
N MET B 33 -22.39 -18.06 0.47
CA MET B 33 -23.65 -18.67 0.18
C MET B 33 -24.75 -17.75 0.72
N TYR B 41 -23.46 -21.52 -10.34
CA TYR B 41 -23.49 -21.63 -8.88
C TYR B 41 -22.56 -22.71 -8.32
N GLN B 42 -22.26 -23.71 -9.15
CA GLN B 42 -21.46 -24.85 -8.73
C GLN B 42 -20.12 -24.39 -8.14
N VAL B 43 -19.49 -23.36 -8.72
CA VAL B 43 -18.15 -22.99 -8.27
C VAL B 43 -18.20 -22.36 -6.87
N TRP B 44 -19.25 -21.55 -6.60
CA TRP B 44 -19.47 -21.10 -5.20
C TRP B 44 -19.74 -22.26 -4.27
N GLN B 45 -20.64 -23.14 -4.70
CA GLN B 45 -20.91 -24.34 -3.96
C GLN B 45 -19.67 -25.17 -3.71
N ARG B 46 -18.83 -25.31 -4.73
CA ARG B 46 -17.71 -26.24 -4.60
C ARG B 46 -16.66 -25.62 -3.68
N GLU B 47 -16.49 -24.30 -3.72
CA GLU B 47 -15.54 -23.62 -2.78
C GLU B 47 -16.07 -23.71 -1.35
N SER B 48 -17.37 -23.59 -1.19
CA SER B 48 -17.99 -23.70 0.11
C SER B 48 -17.84 -25.08 0.75
N LYS B 49 -17.98 -26.16 -0.04
CA LYS B 49 -17.74 -27.52 0.45
C LYS B 49 -16.29 -27.69 0.81
N ALA B 50 -15.39 -27.14 0.01
CA ALA B 50 -13.95 -27.24 0.26
C ALA B 50 -13.63 -26.52 1.56
N LEU B 51 -14.23 -25.37 1.76
CA LEU B 51 -13.98 -24.67 3.01
C LEU B 51 -14.49 -25.48 4.21
N GLU B 52 -15.69 -26.04 4.12
CA GLU B 52 -16.22 -26.92 5.22
C GLU B 52 -15.24 -28.02 5.52
N SER B 53 -14.71 -28.62 4.45
CA SER B 53 -13.76 -29.72 4.62
C SER B 53 -12.43 -29.25 5.29
N ALA B 54 -11.98 -28.08 4.91
CA ALA B 54 -10.73 -27.53 5.48
C ALA B 54 -10.97 -27.26 6.92
N ILE B 55 -12.15 -26.72 7.23
CA ILE B 55 -12.48 -26.48 8.60
C ILE B 55 -12.45 -27.80 9.42
N ALA B 56 -13.09 -28.84 8.90
CA ALA B 56 -13.16 -30.16 9.57
C ALA B 56 -11.75 -30.69 9.85
N ILE B 57 -10.89 -30.48 8.88
CA ILE B 57 -9.52 -30.98 8.96
C ILE B 57 -8.76 -30.32 10.06
N ILE B 58 -8.75 -29.00 10.07
CA ILE B 58 -7.97 -28.33 11.06
C ILE B 58 -8.54 -28.52 12.48
N HIS B 59 -9.87 -28.65 12.62
CA HIS B 59 -10.48 -29.04 13.85
C HIS B 59 -9.98 -30.42 14.38
N TYR B 60 -9.89 -31.35 13.49
CA TYR B 60 -9.46 -32.70 13.83
C TYR B 60 -7.99 -32.69 14.26
N VAL B 61 -7.16 -32.13 13.40
CA VAL B 61 -5.74 -32.09 13.64
C VAL B 61 -5.42 -31.38 14.99
N ALA B 62 -6.19 -30.34 15.28
CA ALA B 62 -6.02 -29.59 16.51
C ALA B 62 -6.55 -30.28 17.76
N GLY B 63 -7.37 -31.30 17.58
CA GLY B 63 -7.89 -32.06 18.75
C GLY B 63 -6.79 -32.66 19.58
N ASP B 64 -5.72 -33.08 18.93
CA ASP B 64 -4.56 -33.61 19.60
C ASP B 64 -3.80 -32.62 20.48
N LEU B 65 -4.09 -31.34 20.35
CA LEU B 65 -3.50 -30.31 21.18
C LEU B 65 -4.22 -30.28 22.55
N LYS B 66 -5.26 -31.10 22.63
CA LYS B 66 -6.18 -31.22 23.74
C LYS B 66 -7.06 -29.97 23.76
N MET C 1 6.89 -0.40 3.13
CA MET C 1 5.76 0.21 2.35
C MET C 1 5.80 1.75 2.28
N THR C 2 5.18 2.27 1.20
CA THR C 2 5.01 3.69 1.04
C THR C 2 4.00 4.25 2.03
N GLN C 3 4.04 5.54 2.29
CA GLN C 3 3.07 6.13 3.20
C GLN C 3 1.63 5.93 2.76
N LEU C 4 1.37 6.07 1.47
CA LEU C 4 0.05 5.84 1.04
C LEU C 4 -0.32 4.35 1.21
N GLU C 5 0.63 3.47 0.89
CA GLU C 5 0.42 2.04 0.97
C GLU C 5 0.09 1.67 2.44
N GLU C 6 0.85 2.24 3.33
CA GLU C 6 0.73 1.95 4.78
C GLU C 6 -0.63 2.36 5.29
N GLN C 7 -1.13 3.50 4.83
CA GLN C 7 -2.49 3.92 5.16
C GLN C 7 -3.56 2.90 4.90
N LEU C 8 -3.54 2.32 3.68
CA LEU C 8 -4.49 1.34 3.32
C LEU C 8 -4.27 0.06 4.11
N HIS C 9 -3.02 -0.31 4.33
CA HIS C 9 -2.70 -1.45 5.14
C HIS C 9 -3.19 -1.27 6.59
N ASN C 10 -3.03 -0.07 7.14
CA ASN C 10 -3.45 0.21 8.55
C ASN C 10 -4.96 0.04 8.67
N VAL C 11 -5.70 0.53 7.69
CA VAL C 11 -7.18 0.43 7.71
C VAL C 11 -7.60 -1.06 7.53
N GLU C 12 -6.97 -1.79 6.62
CA GLU C 12 -7.32 -3.20 6.48
C GLU C 12 -7.01 -3.98 7.76
N THR C 13 -5.86 -3.74 8.32
CA THR C 13 -5.42 -4.46 9.52
C THR C 13 -6.41 -4.23 10.69
N VAL C 14 -6.79 -2.98 10.90
CA VAL C 14 -7.78 -2.68 11.91
C VAL C 14 -9.12 -3.36 11.62
N ARG C 15 -9.53 -3.37 10.36
CA ARG C 15 -10.80 -3.98 10.01
C ARG C 15 -10.76 -5.46 10.37
N SER C 16 -9.65 -6.10 9.98
CA SER C 16 -9.51 -7.59 10.09
C SER C 16 -9.44 -7.96 11.60
N ILE C 17 -8.80 -7.13 12.40
CA ILE C 17 -8.74 -7.39 13.84
C ILE C 17 -10.06 -7.22 14.49
N THR C 18 -10.79 -6.22 14.07
CA THR C 18 -12.11 -5.98 14.61
C THR C 18 -13.02 -7.19 14.33
N MET C 19 -12.96 -7.73 13.11
CA MET C 19 -13.72 -8.92 12.75
C MET C 19 -13.32 -10.11 13.62
N GLN C 20 -12.03 -10.30 13.86
CA GLN C 20 -11.54 -11.34 14.76
C GLN C 20 -12.08 -11.19 16.15
N LEU C 21 -12.10 -9.93 16.67
CA LEU C 21 -12.63 -9.66 17.95
C LEU C 21 -14.12 -10.01 18.04
N GLU C 22 -14.91 -9.65 17.02
CA GLU C 22 -16.33 -9.95 17.03
C GLU C 22 -16.53 -11.47 17.07
N MET C 23 -15.72 -12.19 16.32
CA MET C 23 -15.83 -13.64 16.40
C MET C 23 -15.48 -14.27 17.77
N ALA C 24 -14.44 -13.76 18.38
CA ALA C 24 -14.07 -14.20 19.70
C ALA C 24 -15.13 -13.94 20.77
N LEU C 25 -15.83 -12.80 20.65
CA LEU C 25 -16.96 -12.49 21.51
C LEU C 25 -18.16 -13.38 21.27
N THR C 26 -18.43 -13.68 20.01
CA THR C 26 -19.43 -14.67 19.66
C THR C 26 -19.09 -16.03 20.32
N LYS C 27 -17.85 -16.48 20.19
CA LYS C 27 -17.48 -17.75 20.83
C LYS C 27 -17.68 -17.69 22.31
N LEU C 28 -17.12 -16.68 22.96
CA LEU C 28 -17.28 -16.51 24.40
C LEU C 28 -18.75 -16.70 24.87
N LYS C 29 -19.66 -16.04 24.17
CA LYS C 29 -21.08 -16.04 24.42
C LYS C 29 -21.71 -17.39 24.16
N LYS C 30 -21.53 -17.98 22.99
CA LYS C 30 -22.05 -19.35 22.73
C LYS C 30 -21.54 -20.37 23.74
N ASP C 31 -20.25 -20.29 24.06
CA ASP C 31 -19.64 -21.21 25.01
C ASP C 31 -20.16 -21.09 26.44
N MET C 32 -20.39 -19.88 26.91
CA MET C 32 -21.13 -19.65 28.15
C MET C 32 -22.53 -20.28 28.09
N MET C 33 -23.29 -19.89 27.05
CA MET C 33 -24.69 -20.27 26.86
C MET C 33 -24.93 -21.79 26.74
N ARG C 34 -23.88 -22.57 26.52
CA ARG C 34 -24.02 -24.03 26.45
C ARG C 34 -23.62 -24.75 27.76
N GLY C 35 -23.93 -24.13 28.92
CA GLY C 35 -23.62 -24.71 30.23
C GLY C 35 -22.68 -23.81 31.04
N GLN C 42 -21.39 -7.60 30.02
CA GLN C 42 -21.39 -6.14 29.87
C GLN C 42 -20.10 -5.77 29.16
N VAL C 43 -19.13 -6.67 29.22
CA VAL C 43 -17.79 -6.39 28.80
C VAL C 43 -17.74 -6.54 27.24
N TRP C 44 -18.65 -7.36 26.69
CA TRP C 44 -18.72 -7.61 25.26
C TRP C 44 -19.44 -6.53 24.54
N GLN C 45 -20.53 -6.10 25.13
CA GLN C 45 -21.21 -4.79 24.79
C GLN C 45 -20.29 -3.56 24.50
N ARG C 46 -19.36 -3.28 25.40
CA ARG C 46 -18.45 -2.16 25.25
C ARG C 46 -17.46 -2.30 24.20
N GLU C 47 -16.97 -3.54 24.12
CA GLU C 47 -16.04 -3.90 23.16
C GLU C 47 -16.63 -3.70 21.78
N SER C 48 -17.85 -4.17 21.65
CA SER C 48 -18.60 -4.09 20.39
C SER C 48 -18.92 -2.61 19.99
N LYS C 49 -19.20 -1.86 21.02
CA LYS C 49 -19.46 -0.41 20.91
C LYS C 49 -18.22 0.33 20.38
N ALA C 50 -17.04 -0.08 20.88
CA ALA C 50 -15.79 0.45 20.41
C ALA C 50 -15.50 0.12 18.97
N LEU C 51 -15.84 -1.15 18.64
CA LEU C 51 -15.66 -1.58 17.27
C LEU C 51 -16.45 -0.63 16.40
N GLU C 52 -17.67 -0.35 16.79
CA GLU C 52 -18.53 0.58 15.99
C GLU C 52 -18.01 2.04 15.83
N SER C 53 -17.41 2.60 16.90
CA SER C 53 -16.76 3.88 16.85
C SER C 53 -15.64 3.84 15.85
N ALA C 54 -14.88 2.73 15.81
CA ALA C 54 -13.79 2.62 14.87
C ALA C 54 -14.32 2.60 13.45
N ILE C 55 -15.35 1.79 13.24
CA ILE C 55 -16.01 1.72 11.92
C ILE C 55 -16.55 3.06 11.50
N ALA C 56 -17.16 3.75 12.45
CA ALA C 56 -17.73 5.07 12.21
C ALA C 56 -16.67 6.05 11.67
N ILE C 57 -15.52 6.07 12.35
CA ILE C 57 -14.43 6.92 11.96
C ILE C 57 -13.94 6.56 10.54
N ILE C 58 -13.69 5.26 10.41
CA ILE C 58 -13.63 4.52 9.20
C ILE C 58 -12.34 3.71 9.34
N MET D 1 -12.27 -27.32 36.42
CA MET D 1 -13.30 -27.88 35.49
C MET D 1 -13.07 -27.36 34.08
N THR D 2 -13.50 -28.18 33.13
CA THR D 2 -13.27 -27.92 31.74
C THR D 2 -14.05 -26.67 31.32
N GLN D 3 -15.25 -26.51 31.83
CA GLN D 3 -16.03 -25.33 31.49
C GLN D 3 -15.41 -24.01 31.99
N LEU D 4 -14.87 -24.00 33.20
CA LEU D 4 -14.20 -22.80 33.71
C LEU D 4 -12.95 -22.55 32.90
N GLU D 5 -12.29 -23.63 32.48
CA GLU D 5 -11.07 -23.51 31.70
C GLU D 5 -11.41 -22.98 30.31
N GLU D 6 -12.53 -23.43 29.76
CA GLU D 6 -13.03 -22.86 28.53
C GLU D 6 -13.31 -21.38 28.61
N GLN D 7 -14.03 -20.99 29.64
CA GLN D 7 -14.33 -19.61 29.87
C GLN D 7 -13.05 -18.81 29.99
N LEU D 8 -12.11 -19.28 30.78
CA LEU D 8 -10.88 -18.55 30.96
C LEU D 8 -10.13 -18.36 29.66
N HIS D 9 -10.04 -19.42 28.88
CA HIS D 9 -9.36 -19.32 27.57
C HIS D 9 -10.06 -18.37 26.58
N ASN D 10 -11.37 -18.34 26.63
CA ASN D 10 -12.13 -17.48 25.76
C ASN D 10 -11.84 -16.06 26.20
N VAL D 11 -11.81 -15.78 27.52
CA VAL D 11 -11.51 -14.40 27.99
C VAL D 11 -10.09 -13.93 27.61
N GLU D 12 -9.11 -14.81 27.81
CA GLU D 12 -7.73 -14.56 27.40
C GLU D 12 -7.61 -14.25 25.92
N THR D 13 -8.36 -14.95 25.05
CA THR D 13 -8.35 -14.72 23.63
C THR D 13 -8.89 -13.35 23.30
N VAL D 14 -10.04 -13.07 23.86
CA VAL D 14 -10.63 -11.73 23.79
C VAL D 14 -9.66 -10.63 24.19
N ARG D 15 -9.03 -10.78 25.35
CA ARG D 15 -8.08 -9.78 25.80
C ARG D 15 -6.90 -9.65 24.87
N SER D 16 -6.42 -10.79 24.38
CA SER D 16 -5.29 -10.79 23.45
C SER D 16 -5.59 -10.02 22.15
N ILE D 17 -6.76 -10.24 21.59
CA ILE D 17 -7.17 -9.54 20.33
C ILE D 17 -7.45 -8.08 20.62
N THR D 18 -8.05 -7.80 21.76
CA THR D 18 -8.28 -6.40 22.12
C THR D 18 -6.95 -5.61 22.20
N MET D 19 -5.91 -6.19 22.75
CA MET D 19 -4.62 -5.52 22.81
C MET D 19 -4.03 -5.27 21.41
N GLN D 20 -4.15 -6.28 20.55
CA GLN D 20 -3.75 -6.08 19.15
C GLN D 20 -4.56 -4.97 18.41
N LEU D 21 -5.84 -4.85 18.68
CA LEU D 21 -6.70 -3.88 18.07
C LEU D 21 -6.24 -2.52 18.58
N GLU D 22 -5.89 -2.45 19.85
CA GLU D 22 -5.31 -1.21 20.43
C GLU D 22 -4.00 -0.80 19.68
N MET D 23 -3.09 -1.72 19.48
CA MET D 23 -1.87 -1.42 18.76
C MET D 23 -2.09 -1.00 17.28
N ALA D 24 -2.99 -1.67 16.56
CA ALA D 24 -3.36 -1.34 15.14
C ALA D 24 -4.09 -0.03 15.00
N LEU D 25 -5.04 0.24 15.89
CA LEU D 25 -5.69 1.55 15.98
C LEU D 25 -4.74 2.68 16.30
N THR D 26 -3.83 2.46 17.26
CA THR D 26 -2.82 3.44 17.67
C THR D 26 -1.99 3.82 16.43
N LYS D 27 -1.55 2.82 15.68
CA LYS D 27 -0.73 3.09 14.44
C LYS D 27 -1.54 3.81 13.37
N LEU D 28 -2.78 3.40 13.20
CA LEU D 28 -3.67 4.07 12.29
C LEU D 28 -3.80 5.56 12.66
N LYS D 29 -4.04 5.84 13.94
CA LYS D 29 -4.22 7.21 14.41
C LYS D 29 -2.93 8.02 14.19
N LYS D 30 -1.79 7.44 14.54
CA LYS D 30 -0.53 8.16 14.43
C LYS D 30 -0.26 8.51 12.96
N ASP D 31 -0.61 7.58 12.07
CA ASP D 31 -0.30 7.69 10.64
C ASP D 31 -1.18 8.67 9.82
N MET D 32 -1.83 9.70 10.41
CA MET D 32 -2.03 11.01 9.62
C MET D 32 -2.44 12.28 10.44
N MET D 33 -1.78 13.43 10.16
CA MET D 33 -2.08 14.76 10.78
C MET D 33 -2.33 15.63 9.61
N ARG D 34 -3.21 15.10 8.81
CA ARG D 34 -3.18 15.24 7.43
C ARG D 34 -3.97 16.50 7.07
N GLY D 35 -4.24 16.60 5.79
CA GLY D 35 -5.04 17.67 5.30
C GLY D 35 -4.04 18.60 4.72
N GLY D 36 -4.55 19.54 3.93
CA GLY D 36 -3.74 20.55 3.35
C GLY D 36 -4.23 21.96 3.55
N ASP D 37 -5.20 22.18 4.43
CA ASP D 37 -5.63 23.53 4.77
C ASP D 37 -6.20 23.56 6.18
N ALA D 38 -6.43 24.76 6.71
CA ALA D 38 -6.92 24.92 8.07
C ALA D 38 -8.16 24.08 8.33
N LYS D 39 -9.10 23.99 7.38
CA LYS D 39 -10.33 23.23 7.63
C LYS D 39 -10.08 21.72 7.68
N GLN D 40 -9.26 21.21 6.76
CA GLN D 40 -8.91 19.77 6.79
C GLN D 40 -8.17 19.46 8.10
N TYR D 41 -7.27 20.35 8.57
CA TYR D 41 -6.53 20.10 9.81
C TYR D 41 -7.45 20.03 11.04
N GLN D 42 -8.41 20.95 11.12
CA GLN D 42 -9.37 20.95 12.25
C GLN D 42 -10.22 19.67 12.27
N VAL D 43 -10.49 19.10 11.11
CA VAL D 43 -11.25 17.86 11.04
C VAL D 43 -10.35 16.71 11.45
N TRP D 44 -9.10 16.69 10.95
CA TRP D 44 -8.16 15.66 11.35
C TRP D 44 -8.00 15.67 12.91
N GLN D 45 -8.01 16.85 13.48
CA GLN D 45 -7.91 17.00 14.96
C GLN D 45 -9.06 16.28 15.65
N ARG D 46 -10.28 16.58 15.21
CA ARG D 46 -11.47 15.96 15.69
C ARG D 46 -11.51 14.46 15.45
N GLU D 47 -11.13 13.98 14.24
CA GLU D 47 -11.14 12.58 13.96
C GLU D 47 -10.05 11.83 14.71
N SER D 48 -8.86 12.40 14.85
CA SER D 48 -7.79 11.73 15.60
C SER D 48 -8.21 11.62 17.11
N LYS D 49 -8.92 12.64 17.59
CA LYS D 49 -9.43 12.66 19.00
C LYS D 49 -10.47 11.57 19.22
N ALA D 50 -11.42 11.47 18.27
CA ALA D 50 -12.38 10.34 18.29
C ALA D 50 -11.70 8.98 18.33
N LEU D 51 -10.64 8.81 17.57
CA LEU D 51 -9.97 7.55 17.53
C LEU D 51 -9.21 7.28 18.79
N GLU D 52 -8.49 8.29 19.27
CA GLU D 52 -7.80 8.21 20.55
C GLU D 52 -8.80 7.81 21.65
N SER D 53 -10.02 8.32 21.55
CA SER D 53 -11.12 8.10 22.51
C SER D 53 -11.65 6.65 22.40
N ALA D 54 -11.61 6.04 21.22
CA ALA D 54 -11.86 4.59 21.09
C ALA D 54 -10.74 3.66 21.60
N ILE D 55 -9.49 4.05 21.39
CA ILE D 55 -8.39 3.29 21.82
C ILE D 55 -8.48 3.27 23.35
N ALA D 56 -8.73 4.43 23.96
CA ALA D 56 -8.83 4.52 25.42
C ALA D 56 -9.91 3.63 26.00
N ILE D 57 -11.09 3.71 25.43
CA ILE D 57 -12.10 2.78 25.84
C ILE D 57 -11.67 1.28 25.76
N ILE D 58 -10.91 0.86 24.75
CA ILE D 58 -10.68 -0.57 24.60
C ILE D 58 -9.59 -1.01 25.57
N HIS D 59 -8.62 -0.14 25.81
CA HIS D 59 -7.72 -0.28 26.92
C HIS D 59 -8.58 -0.42 28.23
N TYR D 60 -9.61 0.41 28.42
CA TYR D 60 -10.40 0.38 29.73
C TYR D 60 -11.33 -0.85 29.91
N VAL D 61 -12.34 -0.91 29.04
CA VAL D 61 -13.39 -1.96 29.02
C VAL D 61 -12.68 -3.30 29.05
N ALA D 62 -11.57 -3.32 28.34
CA ALA D 62 -10.68 -4.45 28.37
C ALA D 62 -10.04 -4.76 29.67
N GLY D 63 -9.58 -3.73 30.39
CA GLY D 63 -8.73 -3.91 31.58
C GLY D 63 -9.53 -4.53 32.68
N ASP D 64 -10.83 -4.38 32.55
CA ASP D 64 -11.76 -5.09 33.38
C ASP D 64 -11.67 -6.60 33.18
N LEU D 65 -10.98 -7.03 32.13
CA LEU D 65 -10.82 -8.46 31.77
C LEU D 65 -9.58 -9.10 32.38
N LYS D 66 -8.83 -8.31 33.16
CA LYS D 66 -7.67 -8.79 33.88
C LYS D 66 -8.14 -9.56 35.11
N MET E 1 31.76 -6.06 0.22
CA MET E 1 31.94 -4.56 0.14
C MET E 1 32.22 -4.06 -1.26
N THR E 2 33.05 -4.80 -2.00
CA THR E 2 33.32 -4.40 -3.40
C THR E 2 32.03 -4.27 -4.22
N GLN E 3 31.17 -5.26 -4.11
CA GLN E 3 29.92 -5.24 -4.88
C GLN E 3 28.94 -4.16 -4.38
N LEU E 4 28.93 -3.93 -3.07
CA LEU E 4 28.10 -2.91 -2.50
C LEU E 4 28.59 -1.58 -2.99
N GLU E 5 29.90 -1.49 -3.12
CA GLU E 5 30.54 -0.29 -3.61
C GLU E 5 30.12 0.03 -5.07
N GLU E 6 29.96 -0.99 -5.91
CA GLU E 6 29.57 -0.79 -7.32
C GLU E 6 28.14 -0.36 -7.35
N GLN E 7 27.29 -0.95 -6.50
CA GLN E 7 25.91 -0.49 -6.44
C GLN E 7 25.85 0.96 -5.99
N LEU E 8 26.62 1.28 -4.97
CA LEU E 8 26.63 2.64 -4.45
C LEU E 8 27.17 3.58 -5.48
N HIS E 9 28.19 3.10 -6.19
CA HIS E 9 28.77 3.93 -7.23
C HIS E 9 27.71 4.22 -8.31
N ASN E 10 26.90 3.25 -8.66
CA ASN E 10 25.88 3.49 -9.70
C ASN E 10 24.89 4.55 -9.26
N VAL E 11 24.50 4.46 -8.00
CA VAL E 11 23.56 5.42 -7.41
C VAL E 11 24.21 6.83 -7.32
N GLU E 12 25.45 6.92 -6.91
CA GLU E 12 26.16 8.19 -6.79
C GLU E 12 26.27 8.86 -8.11
N THR E 13 26.49 8.07 -9.15
CA THR E 13 26.59 8.69 -10.50
C THR E 13 25.31 9.37 -10.89
N VAL E 14 24.17 8.70 -10.67
CA VAL E 14 22.83 9.30 -10.85
C VAL E 14 22.71 10.57 -10.00
N ARG E 15 23.06 10.54 -8.73
CA ARG E 15 22.95 11.70 -7.88
C ARG E 15 23.78 12.87 -8.41
N SER E 16 24.99 12.56 -8.81
CA SER E 16 25.91 13.56 -9.32
C SER E 16 25.29 14.23 -10.55
N ILE E 17 24.92 13.40 -11.48
CA ILE E 17 24.41 13.91 -12.79
C ILE E 17 23.11 14.70 -12.61
N THR E 18 22.21 14.30 -11.72
CA THR E 18 21.01 15.07 -11.55
C THR E 18 21.34 16.48 -11.08
N MET E 19 22.31 16.64 -10.19
CA MET E 19 22.69 18.00 -9.68
C MET E 19 23.33 18.85 -10.78
N GLN E 20 24.10 18.19 -11.61
CA GLN E 20 24.72 18.80 -12.81
C GLN E 20 23.65 19.30 -13.77
N LEU E 21 22.64 18.46 -14.02
CA LEU E 21 21.50 18.88 -14.87
C LEU E 21 20.80 20.11 -14.31
N GLU E 22 20.53 20.11 -13.02
CA GLU E 22 19.97 21.29 -12.35
C GLU E 22 20.80 22.51 -12.56
N MET E 23 22.13 22.39 -12.36
CA MET E 23 22.99 23.53 -12.67
C MET E 23 22.91 24.01 -14.11
N ALA E 24 22.86 23.10 -15.07
CA ALA E 24 22.79 23.47 -16.47
C ALA E 24 21.49 24.18 -16.79
N LEU E 25 20.38 23.74 -16.21
CA LEU E 25 19.08 24.44 -16.37
C LEU E 25 19.11 25.84 -15.78
N THR E 26 19.69 25.93 -14.61
CA THR E 26 19.92 27.23 -13.98
C THR E 26 20.74 28.16 -14.87
N LYS E 27 21.85 27.64 -15.44
CA LYS E 27 22.74 28.43 -16.33
C LYS E 27 22.02 28.95 -17.57
N LEU E 28 21.21 28.08 -18.17
CA LEU E 28 20.44 28.46 -19.40
C LEU E 28 19.65 29.74 -19.05
N LYS E 29 18.96 29.70 -17.92
CA LYS E 29 18.09 30.79 -17.52
C LYS E 29 18.87 32.04 -17.16
N LYS E 30 19.91 31.89 -16.32
CA LYS E 30 20.67 33.02 -15.78
C LYS E 30 21.41 33.72 -16.93
N ASP E 31 21.95 32.94 -17.84
CA ASP E 31 22.65 33.52 -19.02
C ASP E 31 21.69 34.34 -19.88
N MET E 32 20.46 33.87 -20.03
CA MET E 32 19.50 34.60 -20.84
C MET E 32 19.18 35.87 -20.08
N MET E 33 18.98 35.74 -18.77
CA MET E 33 18.61 36.91 -17.93
C MET E 33 19.72 37.97 -18.03
N ARG E 34 20.98 37.56 -17.85
CA ARG E 34 22.13 38.52 -17.85
C ARG E 34 22.31 39.20 -19.19
N GLY E 35 21.92 38.51 -20.29
CA GLY E 35 22.02 39.07 -21.65
C GLY E 35 20.89 39.99 -22.07
N GLY E 36 19.93 40.20 -21.16
CA GLY E 36 18.74 40.99 -21.42
C GLY E 36 17.62 40.27 -22.13
N ASP E 37 17.74 38.93 -22.20
CA ASP E 37 16.78 38.14 -22.93
C ASP E 37 15.83 37.45 -22.02
N ALA E 38 15.49 38.11 -20.94
CA ALA E 38 14.64 37.51 -19.97
C ALA E 38 13.28 37.14 -20.49
N LYS E 39 12.65 38.06 -21.21
CA LYS E 39 11.32 37.75 -21.72
C LYS E 39 11.38 36.51 -22.67
N GLN E 40 12.42 36.42 -23.48
CA GLN E 40 12.53 35.35 -24.49
C GLN E 40 12.79 34.03 -23.78
N TYR E 41 13.28 34.10 -22.53
CA TYR E 41 13.46 32.87 -21.76
C TYR E 41 12.17 32.08 -21.58
N GLN E 42 11.03 32.76 -21.55
CA GLN E 42 9.75 32.11 -21.31
C GLN E 42 9.52 30.92 -22.24
N VAL E 43 10.08 30.91 -23.46
CA VAL E 43 9.90 29.78 -24.36
C VAL E 43 10.49 28.46 -23.81
N TRP E 44 11.47 28.52 -22.91
CA TRP E 44 12.06 27.27 -22.33
C TRP E 44 11.41 26.87 -21.02
N GLN E 45 10.53 27.68 -20.42
CA GLN E 45 10.09 27.35 -19.07
C GLN E 45 9.30 26.05 -19.01
N ARG E 46 8.45 25.82 -19.97
CA ARG E 46 7.64 24.58 -19.94
C ARG E 46 8.59 23.36 -19.89
N GLU E 47 9.59 23.39 -20.74
CA GLU E 47 10.49 22.23 -20.82
C GLU E 47 11.39 22.07 -19.63
N SER E 48 11.92 23.19 -19.18
CA SER E 48 12.79 23.22 -18.05
C SER E 48 12.06 22.70 -16.81
N LYS E 49 10.85 23.18 -16.58
CA LYS E 49 9.99 22.70 -15.47
C LYS E 49 9.70 21.19 -15.57
N ALA E 50 9.42 20.71 -16.75
CA ALA E 50 9.25 19.28 -17.00
C ALA E 50 10.48 18.41 -16.74
N LEU E 51 11.66 18.89 -17.15
CA LEU E 51 12.96 18.28 -16.78
C LEU E 51 13.13 18.25 -15.25
N GLU E 52 12.80 19.34 -14.57
CA GLU E 52 12.86 19.37 -13.12
C GLU E 52 11.91 18.35 -12.48
N SER E 53 10.73 18.24 -13.06
CA SER E 53 9.81 17.21 -12.62
C SER E 53 10.37 15.76 -12.87
N ALA E 54 10.90 15.50 -14.05
CA ALA E 54 11.54 14.20 -14.33
C ALA E 54 12.65 13.88 -13.37
N ILE E 55 13.46 14.91 -13.02
CA ILE E 55 14.51 14.73 -12.04
C ILE E 55 13.97 14.30 -10.67
N ALA E 56 12.90 14.94 -10.22
CA ALA E 56 12.31 14.62 -8.92
C ALA E 56 11.83 13.19 -8.91
N ILE E 57 11.28 12.75 -10.02
CA ILE E 57 10.84 11.37 -10.12
C ILE E 57 12.02 10.41 -10.09
N ILE E 58 13.16 10.75 -10.78
CA ILE E 58 14.37 9.97 -10.71
C ILE E 58 14.91 9.89 -9.25
N HIS E 59 14.88 10.99 -8.53
CA HIS E 59 15.20 10.93 -7.09
C HIS E 59 14.32 9.98 -6.33
N TYR E 60 13.04 10.03 -6.59
CA TYR E 60 12.09 9.19 -5.88
C TYR E 60 12.43 7.69 -6.14
N VAL E 61 12.58 7.32 -7.40
CA VAL E 61 12.87 5.96 -7.77
C VAL E 61 14.26 5.45 -7.41
N ALA E 62 15.30 6.19 -7.81
CA ALA E 62 16.69 5.79 -7.60
C ALA E 62 17.10 5.90 -6.13
N GLY E 63 16.48 6.77 -5.36
CA GLY E 63 16.77 6.88 -3.91
C GLY E 63 18.13 7.41 -3.64
N ASP E 64 18.61 8.18 -4.58
CA ASP E 64 19.99 8.68 -4.60
C ASP E 64 20.24 9.81 -3.58
N LEU E 65 19.18 10.47 -3.13
CA LEU E 65 19.31 11.53 -2.13
C LEU E 65 18.83 10.99 -0.80
N MET F 1 24.79 36.84 -33.40
CA MET F 1 24.06 37.01 -32.09
C MET F 1 24.66 36.08 -31.00
N THR F 2 25.34 36.81 -30.14
CA THR F 2 26.08 36.23 -29.05
C THR F 2 25.13 35.50 -28.12
N GLN F 3 23.95 36.10 -27.94
CA GLN F 3 22.97 35.55 -27.02
C GLN F 3 22.39 34.27 -27.57
N LEU F 4 22.10 34.21 -28.89
CA LEU F 4 21.54 33.02 -29.44
C LEU F 4 22.60 31.92 -29.42
N GLU F 5 23.85 32.24 -29.71
CA GLU F 5 24.91 31.17 -29.67
C GLU F 5 25.04 30.65 -28.25
N GLU F 6 24.99 31.57 -27.31
CA GLU F 6 25.16 31.22 -25.89
C GLU F 6 24.03 30.31 -25.49
N GLN F 7 22.83 30.69 -25.85
CA GLN F 7 21.63 29.92 -25.58
C GLN F 7 21.75 28.54 -26.23
N LEU F 8 22.18 28.51 -27.48
CA LEU F 8 22.34 27.25 -28.16
C LEU F 8 23.29 26.32 -27.40
N HIS F 9 24.42 26.84 -27.02
CA HIS F 9 25.42 26.09 -26.28
C HIS F 9 24.93 25.60 -24.92
N ASN F 10 24.18 26.44 -24.21
CA ASN F 10 23.56 26.01 -22.98
C ASN F 10 22.56 24.88 -23.19
N VAL F 11 21.72 24.93 -24.23
CA VAL F 11 20.78 23.88 -24.50
C VAL F 11 21.49 22.57 -24.92
N GLU F 12 22.57 22.70 -25.67
CA GLU F 12 23.37 21.52 -25.99
C GLU F 12 23.97 20.86 -24.71
N THR F 13 24.30 21.66 -23.73
CA THR F 13 24.91 21.17 -22.47
C THR F 13 23.79 20.47 -21.66
N VAL F 14 22.62 21.11 -21.60
CA VAL F 14 21.45 20.41 -21.00
C VAL F 14 21.21 19.05 -21.67
N ARG F 15 21.13 19.03 -23.01
CA ARG F 15 20.91 17.82 -23.73
C ARG F 15 21.94 16.75 -23.42
N SER F 16 23.23 17.12 -23.43
CA SER F 16 24.34 16.18 -23.16
C SER F 16 24.21 15.57 -21.78
N ILE F 17 23.97 16.41 -20.81
CA ILE F 17 23.85 15.95 -19.40
C ILE F 17 22.59 15.07 -19.25
N THR F 18 21.51 15.38 -19.92
CA THR F 18 20.32 14.55 -19.87
C THR F 18 20.61 13.15 -20.48
N MET F 19 21.32 13.10 -21.60
CA MET F 19 21.64 11.77 -22.13
C MET F 19 22.57 10.98 -21.17
N GLN F 20 23.51 11.64 -20.54
CA GLN F 20 24.40 11.02 -19.53
C GLN F 20 23.54 10.42 -18.36
N LEU F 21 22.58 11.21 -17.92
CA LEU F 21 21.64 10.78 -16.84
C LEU F 21 20.87 9.55 -17.29
N GLU F 22 20.35 9.53 -18.51
CA GLU F 22 19.65 8.36 -19.02
C GLU F 22 20.61 7.14 -19.04
N MET F 23 21.86 7.35 -19.44
CA MET F 23 22.77 6.22 -19.56
C MET F 23 23.14 5.70 -18.19
N ALA F 24 23.25 6.60 -17.23
CA ALA F 24 23.60 6.22 -15.84
C ALA F 24 22.44 5.45 -15.21
N LEU F 25 21.22 5.77 -15.57
CA LEU F 25 20.06 5.09 -15.02
C LEU F 25 19.95 3.73 -15.65
N THR F 26 20.23 3.63 -16.95
CA THR F 26 20.19 2.38 -17.65
C THR F 26 21.20 1.41 -17.02
N LYS F 27 22.39 1.93 -16.69
CA LYS F 27 23.44 1.14 -16.02
C LYS F 27 23.00 0.69 -14.63
N LEU F 28 22.48 1.62 -13.84
CA LEU F 28 21.89 1.26 -12.57
C LEU F 28 20.87 0.15 -12.65
N LYS F 29 19.93 0.26 -13.58
CA LYS F 29 18.95 -0.79 -13.80
C LYS F 29 19.58 -2.14 -14.22
N LYS F 30 20.48 -2.09 -15.21
CA LYS F 30 21.12 -3.27 -15.79
C LYS F 30 21.84 -4.05 -14.69
N ASP F 31 22.50 -3.31 -13.80
CA ASP F 31 23.43 -3.86 -12.79
C ASP F 31 22.72 -4.31 -11.54
N MET F 32 21.44 -4.01 -11.41
CA MET F 32 20.59 -4.65 -10.41
C MET F 32 19.16 -4.14 -10.49
N GLU F 47 13.01 -0.83 -7.95
CA GLU F 47 12.76 -1.82 -8.99
C GLU F 47 12.76 -1.37 -10.49
N SER F 48 12.62 -2.38 -11.34
CA SER F 48 13.10 -2.33 -12.73
C SER F 48 12.13 -1.55 -13.57
N LYS F 49 10.87 -1.92 -13.43
CA LYS F 49 9.76 -1.27 -14.08
C LYS F 49 9.79 0.24 -13.76
N ALA F 50 10.07 0.59 -12.51
CA ALA F 50 10.04 2.01 -12.11
C ALA F 50 11.18 2.75 -12.70
N LEU F 51 12.34 2.12 -12.73
CA LEU F 51 13.48 2.75 -13.31
C LEU F 51 13.27 2.95 -14.80
N GLU F 52 12.78 1.91 -15.45
CA GLU F 52 12.35 2.02 -16.87
C GLU F 52 11.42 3.24 -17.12
N SER F 53 10.33 3.38 -16.33
CA SER F 53 9.41 4.52 -16.45
C SER F 53 10.23 5.89 -16.23
N ALA F 54 10.98 5.97 -15.16
CA ALA F 54 11.76 7.21 -14.93
C ALA F 54 12.52 7.53 -16.17
N ILE F 55 13.12 6.53 -16.78
CA ILE F 55 14.13 6.81 -17.91
C ILE F 55 13.24 7.26 -19.13
N ALA F 56 12.13 6.59 -19.39
CA ALA F 56 11.24 6.94 -20.49
C ALA F 56 10.72 8.36 -20.34
N ILE F 57 10.40 8.77 -19.11
CA ILE F 57 9.89 10.10 -18.91
C ILE F 57 10.92 11.15 -19.28
N ILE F 58 12.06 11.03 -18.69
CA ILE F 58 13.05 12.04 -19.00
C ILE F 58 13.42 12.04 -20.50
N HIS F 59 13.59 10.85 -21.08
CA HIS F 59 13.80 10.73 -22.54
C HIS F 59 12.75 11.46 -23.37
N TYR F 60 11.47 11.27 -23.03
CA TYR F 60 10.37 11.97 -23.66
C TYR F 60 10.49 13.51 -23.50
N VAL F 61 10.77 13.96 -22.29
CA VAL F 61 10.81 15.40 -22.00
C VAL F 61 12.00 16.02 -22.70
N ALA F 62 13.04 15.25 -22.91
CA ALA F 62 14.25 15.82 -23.52
C ALA F 62 14.14 15.83 -25.04
N GLY F 63 13.09 15.25 -25.59
CA GLY F 63 12.83 15.20 -27.06
C GLY F 63 12.91 16.56 -27.73
N ASP F 64 12.43 17.64 -27.04
CA ASP F 64 12.44 18.99 -27.60
C ASP F 64 13.76 19.72 -27.65
N LEU F 65 14.79 19.15 -27.08
CA LEU F 65 16.14 19.65 -27.17
C LEU F 65 16.88 19.14 -28.39
N LYS F 66 16.16 18.26 -29.07
CA LYS F 66 16.33 17.74 -30.44
C LYS F 66 17.04 16.45 -30.36
N THR G 2 -16.40 10.70 6.52
CA THR G 2 -15.30 11.19 7.41
C THR G 2 -14.14 11.58 6.49
N GLN G 3 -13.16 12.22 7.08
CA GLN G 3 -12.02 12.63 6.30
C GLN G 3 -11.22 11.46 5.87
N LEU G 4 -11.05 10.50 6.80
CA LEU G 4 -10.30 9.32 6.54
C LEU G 4 -10.93 8.50 5.38
N GLU G 5 -12.25 8.49 5.37
CA GLU G 5 -13.02 7.92 4.30
C GLU G 5 -12.77 8.69 2.98
N GLU G 6 -12.87 10.02 2.98
CA GLU G 6 -12.57 10.78 1.74
C GLU G 6 -11.13 10.57 1.23
N GLN G 7 -10.19 10.49 2.13
CA GLN G 7 -8.83 10.21 1.78
C GLN G 7 -8.69 8.85 1.10
N LEU G 8 -9.31 7.81 1.63
CA LEU G 8 -9.26 6.50 0.93
C LEU G 8 -9.95 6.56 -0.45
N HIS G 9 -11.04 7.32 -0.51
CA HIS G 9 -11.75 7.49 -1.77
C HIS G 9 -10.85 8.23 -2.79
N ASN G 10 -10.06 9.16 -2.32
CA ASN G 10 -9.22 9.95 -3.26
C ASN G 10 -8.20 9.02 -3.91
N VAL G 11 -7.71 8.03 -3.13
CA VAL G 11 -6.81 7.04 -3.68
C VAL G 11 -7.51 6.15 -4.76
N GLU G 12 -8.72 5.63 -4.48
CA GLU G 12 -9.48 4.88 -5.41
C GLU G 12 -9.79 5.69 -6.69
N THR G 13 -10.11 6.98 -6.55
CA THR G 13 -10.41 7.82 -7.73
C THR G 13 -9.20 7.87 -8.68
N VAL G 14 -8.02 8.12 -8.11
CA VAL G 14 -6.77 8.25 -8.86
C VAL G 14 -6.62 6.92 -9.60
N ARG G 15 -6.81 5.80 -8.88
CA ARG G 15 -6.58 4.53 -9.52
C ARG G 15 -7.53 4.30 -10.70
N SER G 16 -8.81 4.51 -10.46
CA SER G 16 -9.82 4.35 -11.49
C SER G 16 -9.54 5.25 -12.75
N ILE G 17 -9.16 6.50 -12.52
CA ILE G 17 -8.83 7.38 -13.63
C ILE G 17 -7.60 6.87 -14.40
N THR G 18 -6.58 6.34 -13.69
CA THR G 18 -5.39 5.78 -14.36
C THR G 18 -5.82 4.58 -15.19
N MET G 19 -6.72 3.75 -14.70
CA MET G 19 -7.27 2.65 -15.56
C MET G 19 -8.04 3.15 -16.81
N GLN G 20 -8.86 4.16 -16.62
CA GLN G 20 -9.60 4.81 -17.70
C GLN G 20 -8.60 5.36 -18.74
N LEU G 21 -7.50 5.94 -18.27
CA LEU G 21 -6.50 6.52 -19.19
C LEU G 21 -5.81 5.44 -20.01
N GLU G 22 -5.43 4.35 -19.33
CA GLU G 22 -4.86 3.18 -20.03
C GLU G 22 -5.77 2.66 -21.12
N MET G 23 -7.06 2.50 -20.83
CA MET G 23 -8.00 1.96 -21.80
C MET G 23 -8.13 2.93 -22.94
N ALA G 24 -8.13 4.22 -22.64
CA ALA G 24 -8.21 5.22 -23.73
C ALA G 24 -6.96 5.15 -24.63
N LEU G 25 -5.76 4.95 -24.06
CA LEU G 25 -4.55 4.83 -24.84
C LEU G 25 -4.57 3.55 -25.75
N THR G 26 -5.07 2.48 -25.17
CA THR G 26 -5.28 1.22 -25.91
C THR G 26 -6.24 1.45 -27.12
N LYS G 27 -7.31 2.18 -26.90
CA LYS G 27 -8.32 2.39 -27.94
C LYS G 27 -7.68 3.21 -29.03
N LEU G 28 -6.95 4.26 -28.62
CA LEU G 28 -6.27 5.15 -29.60
C LEU G 28 -5.38 4.34 -30.53
N LYS G 29 -4.55 3.52 -29.95
CA LYS G 29 -3.72 2.63 -30.69
C LYS G 29 -4.41 1.56 -31.50
N LYS G 30 -5.39 0.87 -30.93
CA LYS G 30 -6.07 -0.22 -31.66
C LYS G 30 -6.81 0.31 -32.85
N ASP G 31 -7.52 1.43 -32.68
CA ASP G 31 -8.30 2.02 -33.75
C ASP G 31 -7.42 2.51 -34.92
N MET G 32 -6.20 2.93 -34.63
CA MET G 32 -5.14 3.20 -35.59
C MET G 32 -4.78 1.99 -36.45
N MET G 33 -4.86 0.81 -35.85
CA MET G 33 -4.49 -0.44 -36.51
C MET G 33 -5.74 -1.15 -37.02
N TRP G 44 1.63 9.21 -32.02
CA TRP G 44 1.12 9.00 -30.65
C TRP G 44 1.82 8.01 -29.77
N GLN G 45 2.61 7.13 -30.35
CA GLN G 45 3.38 6.16 -29.61
C GLN G 45 4.29 6.72 -28.48
N ARG G 46 4.98 7.83 -28.76
CA ARG G 46 5.89 8.48 -27.75
C ARG G 46 5.08 9.01 -26.56
N GLU G 47 3.97 9.67 -26.89
CA GLU G 47 3.10 10.28 -25.89
C GLU G 47 2.45 9.20 -25.06
N SER G 48 1.99 8.16 -25.75
CA SER G 48 1.45 7.01 -25.07
C SER G 48 2.35 6.38 -23.96
N LYS G 49 3.56 6.10 -24.34
CA LYS G 49 4.56 5.47 -23.50
C LYS G 49 4.92 6.43 -22.34
N ALA G 50 5.03 7.73 -22.63
CA ALA G 50 5.27 8.73 -21.53
C ALA G 50 4.12 8.71 -20.51
N LEU G 51 2.88 8.70 -20.97
CA LEU G 51 1.71 8.67 -20.08
C LEU G 51 1.64 7.32 -19.31
N GLU G 52 1.94 6.22 -20.01
CA GLU G 52 1.99 4.89 -19.33
C GLU G 52 3.05 4.85 -18.25
N SER G 53 4.18 5.50 -18.54
CA SER G 53 5.21 5.55 -17.59
C SER G 53 4.83 6.40 -16.39
N ALA G 54 4.27 7.57 -16.63
CA ALA G 54 3.71 8.35 -15.52
C ALA G 54 2.67 7.56 -14.67
N ILE G 55 1.83 6.79 -15.33
CA ILE G 55 0.88 5.91 -14.60
C ILE G 55 1.65 4.93 -13.70
N ALA G 56 2.72 4.32 -14.23
CA ALA G 56 3.58 3.42 -13.45
C ALA G 56 4.16 4.04 -12.22
N ILE G 57 4.67 5.28 -12.37
CA ILE G 57 5.16 6.03 -11.23
C ILE G 57 4.05 6.30 -10.20
N ILE G 58 2.88 6.71 -10.62
CA ILE G 58 1.76 6.90 -9.70
C ILE G 58 1.52 5.62 -8.87
N HIS G 59 1.46 4.50 -9.56
CA HIS G 59 1.23 3.22 -8.83
C HIS G 59 2.41 2.89 -7.93
N TYR G 60 3.68 3.18 -8.33
CA TYR G 60 4.80 2.94 -7.50
C TYR G 60 4.75 3.75 -6.21
N VAL G 61 4.34 5.01 -6.30
CA VAL G 61 4.26 5.88 -5.09
C VAL G 61 3.10 5.38 -4.18
N ALA G 62 2.02 4.96 -4.76
CA ALA G 62 0.83 4.46 -4.01
C ALA G 62 1.07 3.09 -3.39
N GLY G 63 1.92 2.33 -4.04
CA GLY G 63 2.42 1.10 -3.54
C GLY G 63 1.44 0.06 -3.96
N ASP G 64 0.23 0.54 -4.31
CA ASP G 64 -0.91 -0.26 -4.72
C ASP G 64 -0.56 -1.04 -5.93
N LEU G 65 -1.50 -1.90 -6.31
CA LEU G 65 -1.37 -2.86 -7.39
C LEU G 65 -0.26 -3.87 -7.10
N MET H 1 -13.44 11.18 -43.64
CA MET H 1 -13.79 12.05 -42.44
C MET H 1 -14.12 11.25 -41.20
N THR H 2 -14.91 10.19 -41.36
CA THR H 2 -15.29 9.34 -40.17
C THR H 2 -14.07 8.77 -39.52
N GLN H 3 -13.15 8.31 -40.34
CA GLN H 3 -11.93 7.69 -39.80
C GLN H 3 -11.01 8.71 -39.15
N LEU H 4 -10.94 9.90 -39.73
CA LEU H 4 -10.11 10.93 -39.13
C LEU H 4 -10.77 11.49 -37.88
N GLU H 5 -12.09 11.59 -37.90
CA GLU H 5 -12.83 12.03 -36.71
C GLU H 5 -12.62 11.02 -35.57
N GLU H 6 -12.59 9.75 -35.88
CA GLU H 6 -12.34 8.73 -34.84
C GLU H 6 -11.01 9.00 -34.14
N GLN H 7 -9.95 9.21 -34.91
CA GLN H 7 -8.62 9.51 -34.36
C GLN H 7 -8.66 10.77 -33.50
N LEU H 8 -9.26 11.81 -34.04
CA LEU H 8 -9.39 13.07 -33.34
C LEU H 8 -10.07 12.86 -32.00
N HIS H 9 -11.23 12.18 -32.00
CA HIS H 9 -11.98 12.01 -30.80
C HIS H 9 -11.22 11.14 -29.78
N ASN H 10 -10.53 10.10 -30.25
CA ASN H 10 -9.56 9.33 -29.36
C ASN H 10 -8.52 10.17 -28.65
N VAL H 11 -7.89 11.11 -29.35
CA VAL H 11 -6.93 12.02 -28.77
C VAL H 11 -7.61 12.98 -27.80
N GLU H 12 -8.78 13.50 -28.19
CA GLU H 12 -9.57 14.41 -27.33
C GLU H 12 -9.92 13.71 -26.00
N THR H 13 -10.31 12.43 -26.12
CA THR H 13 -10.62 11.56 -24.97
C THR H 13 -9.40 11.43 -24.02
N VAL H 14 -8.25 11.12 -24.56
CA VAL H 14 -7.01 11.00 -23.80
C VAL H 14 -6.75 12.31 -23.07
N ARG H 15 -6.86 13.44 -23.75
CA ARG H 15 -6.68 14.73 -23.11
C ARG H 15 -7.65 15.02 -21.97
N SER H 16 -8.93 14.71 -22.14
CA SER H 16 -9.91 14.96 -21.10
C SER H 16 -9.58 14.15 -19.87
N ILE H 17 -9.24 12.91 -20.09
CA ILE H 17 -8.89 12.03 -18.99
C ILE H 17 -7.63 12.47 -18.28
N THR H 18 -6.63 12.93 -19.00
CA THR H 18 -5.40 13.43 -18.35
C THR H 18 -5.73 14.66 -17.48
N MET H 19 -6.66 15.52 -17.91
CA MET H 19 -7.04 16.66 -17.06
C MET H 19 -7.69 16.16 -15.77
N GLN H 20 -8.63 15.21 -15.89
CA GLN H 20 -9.31 14.60 -14.72
C GLN H 20 -8.27 13.93 -13.79
N LEU H 21 -7.28 13.25 -14.38
CA LEU H 21 -6.21 12.64 -13.55
C LEU H 21 -5.40 13.67 -12.78
N GLU H 22 -5.01 14.78 -13.42
CA GLU H 22 -4.30 15.87 -12.76
C GLU H 22 -5.12 16.38 -11.60
N MET H 23 -6.44 16.50 -11.80
CA MET H 23 -7.30 17.02 -10.68
C MET H 23 -7.37 16.10 -9.50
N ALA H 24 -7.47 14.80 -9.78
CA ALA H 24 -7.59 13.77 -8.79
C ALA H 24 -6.29 13.63 -8.06
N LEU H 25 -5.17 13.64 -8.81
CA LEU H 25 -3.84 13.65 -8.17
C LEU H 25 -3.63 14.87 -7.28
N THR H 26 -4.04 16.06 -7.71
CA THR H 26 -3.89 17.24 -6.91
C THR H 26 -4.64 17.09 -5.56
N LYS H 27 -5.84 16.56 -5.62
CA LYS H 27 -6.65 16.41 -4.42
C LYS H 27 -6.03 15.45 -3.44
N LEU H 28 -5.52 14.33 -3.95
CA LEU H 28 -4.79 13.37 -3.16
C LEU H 28 -3.53 14.00 -2.52
N LYS H 29 -2.70 14.69 -3.30
CA LYS H 29 -1.48 15.34 -2.79
C LYS H 29 -1.81 16.40 -1.73
N LYS H 30 -2.97 17.06 -1.86
CA LYS H 30 -3.48 18.01 -0.84
C LYS H 30 -3.77 17.37 0.52
N ASP H 31 -4.40 16.20 0.52
CA ASP H 31 -4.56 15.32 1.75
C ASP H 31 -3.20 15.04 2.44
N MET H 32 -2.16 15.02 1.64
CA MET H 32 -0.81 14.72 2.14
C MET H 32 -0.06 15.92 2.62
N MET H 33 -0.61 17.12 2.46
CA MET H 33 0.22 18.30 2.68
C MET H 33 0.74 18.41 4.13
N ARG H 34 -0.04 17.99 5.14
CA ARG H 34 0.48 18.11 6.55
C ARG H 34 1.16 16.82 7.01
N GLY H 35 1.33 15.89 6.07
CA GLY H 35 1.97 14.62 6.36
C GLY H 35 1.11 13.79 7.28
N GLY H 36 1.77 12.93 8.06
CA GLY H 36 1.12 12.01 9.01
C GLY H 36 1.91 11.97 10.30
N ASP H 37 2.36 10.77 10.67
CA ASP H 37 3.26 10.63 11.82
C ASP H 37 4.48 11.52 11.62
N ALA H 38 4.81 12.27 12.66
CA ALA H 38 5.83 13.32 12.54
C ALA H 38 7.19 12.79 12.08
N LYS H 39 7.51 11.58 12.50
CA LYS H 39 8.80 11.02 12.22
C LYS H 39 8.97 10.80 10.74
N GLN H 40 7.84 10.52 10.07
CA GLN H 40 7.77 10.21 8.62
C GLN H 40 7.54 11.43 7.72
N TYR H 41 7.65 12.61 8.29
CA TYR H 41 7.47 13.85 7.56
C TYR H 41 8.22 13.84 6.23
N GLN H 42 9.49 13.42 6.27
CA GLN H 42 10.32 13.48 5.07
C GLN H 42 9.85 12.56 3.99
N VAL H 43 9.39 11.36 4.36
CA VAL H 43 8.86 10.39 3.45
C VAL H 43 7.58 10.92 2.78
N TRP H 44 6.68 11.49 3.57
CA TRP H 44 5.49 12.12 2.96
C TRP H 44 5.85 13.24 1.96
N GLN H 45 6.83 14.07 2.33
CA GLN H 45 7.27 15.13 1.44
C GLN H 45 7.80 14.57 0.11
N ARG H 46 8.59 13.48 0.19
CA ARG H 46 9.12 12.82 -1.02
C ARG H 46 8.03 12.24 -1.90
N GLU H 47 6.99 11.63 -1.29
CA GLU H 47 5.91 11.08 -2.03
C GLU H 47 5.08 12.17 -2.65
N SER H 48 4.88 13.25 -1.91
CA SER H 48 4.10 14.42 -2.38
C SER H 48 4.80 15.01 -3.58
N LYS H 49 6.11 15.12 -3.52
CA LYS H 49 6.86 15.71 -4.65
C LYS H 49 6.82 14.79 -5.87
N ALA H 50 6.97 13.49 -5.66
CA ALA H 50 6.86 12.56 -6.74
C ALA H 50 5.53 12.73 -7.42
N LEU H 51 4.45 12.83 -6.64
CA LEU H 51 3.12 12.98 -7.24
C LEU H 51 2.95 14.29 -7.94
N GLU H 52 3.40 15.36 -7.30
CA GLU H 52 3.42 16.67 -7.93
C GLU H 52 4.14 16.59 -9.32
N SER H 53 5.25 15.88 -9.37
CA SER H 53 6.02 15.73 -10.59
C SER H 53 5.26 14.95 -11.63
N ALA H 54 4.56 13.91 -11.21
CA ALA H 54 3.72 13.10 -12.12
C ALA H 54 2.59 13.94 -12.71
N ILE H 55 1.97 14.80 -11.89
CA ILE H 55 0.98 15.77 -12.43
C ILE H 55 1.63 16.60 -13.51
N ALA H 56 2.85 17.10 -13.27
CA ALA H 56 3.47 18.03 -14.19
C ALA H 56 3.81 17.31 -15.47
N ILE H 57 4.39 16.10 -15.35
CA ILE H 57 4.71 15.29 -16.56
C ILE H 57 3.38 14.99 -17.42
N ILE H 58 2.33 14.58 -16.80
CA ILE H 58 1.11 14.35 -17.50
C ILE H 58 0.62 15.61 -18.24
N HIS H 59 0.59 16.74 -17.55
CA HIS H 59 0.23 18.01 -18.14
C HIS H 59 1.07 18.40 -19.35
N TYR H 60 2.34 18.07 -19.29
CA TYR H 60 3.32 18.38 -20.33
C TYR H 60 2.97 17.53 -21.54
N VAL H 61 2.76 16.22 -21.32
CA VAL H 61 2.40 15.34 -22.45
C VAL H 61 1.09 15.73 -23.08
N ALA H 62 0.12 16.05 -22.24
CA ALA H 62 -1.17 16.43 -22.74
C ALA H 62 -1.09 17.71 -23.55
N GLY H 63 -0.21 18.61 -23.20
CA GLY H 63 0.04 19.82 -24.00
C GLY H 63 0.59 19.48 -25.37
N ASP H 64 1.34 18.39 -25.45
CA ASP H 64 1.83 17.98 -26.74
C ASP H 64 0.77 17.38 -27.66
N LEU H 65 -0.36 16.95 -27.12
CA LEU H 65 -1.50 16.40 -27.89
C LEU H 65 -2.44 17.51 -28.35
N LYS H 66 -2.11 18.72 -27.93
CA LYS H 66 -2.58 20.01 -28.46
C LYS H 66 -3.64 20.64 -27.61
#